data_4IBF
#
_entry.id   4IBF
#
_cell.length_a   51.472
_cell.length_b   65.951
_cell.length_c   72.009
_cell.angle_alpha   90.00
_cell.angle_beta   90.00
_cell.angle_gamma   90.00
#
_symmetry.space_group_name_H-M   'P 21 21 21'
#
loop_
_entity.id
_entity.type
_entity.pdbx_description
1 polymer 'Polymerase cofactor VP35'
2 non-polymer '(4-{(2R)-2-(4-bromothiophen-2-yl)-3-[(5-chlorothiophen-2-yl)carbonyl]-4-hydroxy-5-oxo-2,5-dihydro-1H-pyrrol-1-yl}phenyl)acetic acid'
3 water water
#
_entity_poly.entity_id   1
_entity_poly.type   'polypeptide(L)'
_entity_poly.pdbx_seq_one_letter_code
;GHMGKPDISAKDLRNIMYDHLPGFGTAFHQLVQVICKLGKDSNSLDIIHAEFQASLAEGDSPQCALIQITKRVPIFQDAA
PPVIHIRSRGDIPRACQKSLRPVPPSPKIDRGWVCVFQLQDGKTLGLKI
;
_entity_poly.pdbx_strand_id   A,B
#
# COMPACT_ATOMS: atom_id res chain seq x y z
N ASP A 7 -25.69 -13.81 -10.05
CA ASP A 7 -24.35 -13.24 -10.03
C ASP A 7 -23.76 -13.24 -8.64
N ILE A 8 -22.73 -14.07 -8.44
CA ILE A 8 -22.09 -14.26 -7.13
C ILE A 8 -21.47 -12.98 -6.58
N SER A 9 -21.73 -12.71 -5.31
CA SER A 9 -21.15 -11.55 -4.68
C SER A 9 -19.87 -11.96 -3.98
N ALA A 10 -19.07 -10.97 -3.59
CA ALA A 10 -17.86 -11.21 -2.81
C ALA A 10 -18.17 -11.98 -1.53
N LYS A 11 -19.21 -11.55 -0.83
CA LYS A 11 -19.61 -12.17 0.43
C LYS A 11 -19.92 -13.64 0.22
N ASP A 12 -20.68 -13.90 -0.84
CA ASP A 12 -21.05 -15.26 -1.17
C ASP A 12 -19.84 -16.09 -1.53
N LEU A 13 -18.94 -15.51 -2.31
CA LEU A 13 -17.73 -16.24 -2.68
C LEU A 13 -16.88 -16.52 -1.43
N ARG A 14 -16.82 -15.53 -0.54
CA ARG A 14 -16.09 -15.66 0.71
C ARG A 14 -16.61 -16.86 1.52
N ASN A 15 -17.92 -16.88 1.71
CA ASN A 15 -18.55 -17.94 2.50
C ASN A 15 -18.32 -19.29 1.88
N ILE A 16 -18.43 -19.35 0.55
CA ILE A 16 -18.13 -20.57 -0.19
C ILE A 16 -16.73 -21.09 0.11
N MET A 17 -15.73 -20.20 0.10
CA MET A 17 -14.34 -20.60 0.34
C MET A 17 -14.11 -20.89 1.82
N TYR A 18 -14.67 -20.04 2.69
CA TYR A 18 -14.62 -20.28 4.14
C TYR A 18 -15.14 -21.68 4.49
N ASP A 19 -16.15 -22.11 3.75
CA ASP A 19 -16.81 -23.38 4.02
C ASP A 19 -15.86 -24.55 3.77
N HIS A 20 -14.87 -24.34 2.92
CA HIS A 20 -13.89 -25.38 2.60
C HIS A 20 -12.65 -25.38 3.48
N LEU A 21 -12.50 -24.37 4.35
CA LEU A 21 -11.29 -24.21 5.16
C LEU A 21 -11.45 -24.68 6.61
N PRO A 22 -10.46 -25.45 7.11
CA PRO A 22 -10.42 -25.85 8.53
C PRO A 22 -10.01 -24.68 9.44
N GLY A 23 -10.56 -24.64 10.65
CA GLY A 23 -10.22 -23.61 11.62
C GLY A 23 -10.96 -22.32 11.35
N PHE A 24 -10.65 -21.28 12.14
CA PHE A 24 -11.09 -19.91 11.81
C PHE A 24 -10.01 -18.86 11.98
N GLY A 25 -10.03 -17.84 11.15
CA GLY A 25 -9.07 -16.75 11.23
C GLY A 25 -7.64 -17.14 10.87
N THR A 26 -7.48 -18.16 10.02
CA THR A 26 -6.14 -18.60 9.62
C THR A 26 -5.63 -17.69 8.50
N ALA A 27 -4.35 -17.84 8.15
CA ALA A 27 -3.77 -17.08 7.05
C ALA A 27 -4.53 -17.30 5.73
N PHE A 28 -5.10 -18.48 5.55
CA PHE A 28 -5.88 -18.79 4.35
C PHE A 28 -7.25 -18.12 4.34
N HIS A 29 -7.81 -17.89 5.53
CA HIS A 29 -9.02 -17.11 5.65
C HIS A 29 -8.77 -15.68 5.19
N GLN A 30 -7.62 -15.15 5.54
CA GLN A 30 -7.34 -13.77 5.20
C GLN A 30 -7.07 -13.70 3.71
N LEU A 31 -6.42 -14.73 3.17
CA LEU A 31 -6.20 -14.82 1.72
C LEU A 31 -7.53 -14.81 0.96
N VAL A 32 -8.54 -15.51 1.49
CA VAL A 32 -9.88 -15.45 0.92
C VAL A 32 -10.41 -14.01 0.92
N GLN A 33 -10.26 -13.32 2.05
CA GLN A 33 -10.72 -11.95 2.15
C GLN A 33 -10.08 -11.08 1.07
N VAL A 34 -8.81 -11.34 0.83
CA VAL A 34 -8.03 -10.54 -0.10
C VAL A 34 -8.41 -10.84 -1.54
N ILE A 35 -8.49 -12.14 -1.88
CA ILE A 35 -8.93 -12.57 -3.20
C ILE A 35 -10.31 -12.01 -3.55
N CYS A 36 -11.21 -11.99 -2.58
CA CYS A 36 -12.57 -11.52 -2.83
C CYS A 36 -12.62 -10.00 -3.03
N LYS A 37 -11.91 -9.27 -2.18
CA LYS A 37 -11.86 -7.81 -2.29
C LYS A 37 -11.18 -7.36 -3.58
N LEU A 38 -9.99 -7.87 -3.87
CA LEU A 38 -9.30 -7.54 -5.10
C LEU A 38 -10.08 -8.04 -6.30
N GLY A 39 -10.73 -9.20 -6.13
CA GLY A 39 -11.55 -9.79 -7.19
C GLY A 39 -12.76 -8.93 -7.49
N LYS A 40 -13.42 -8.43 -6.44
CA LYS A 40 -14.56 -7.56 -6.67
C LYS A 40 -14.15 -6.28 -7.41
N ASP A 41 -13.06 -5.65 -6.99
CA ASP A 41 -12.60 -4.39 -7.56
C ASP A 41 -12.25 -4.53 -9.03
N SER A 42 -11.96 -5.76 -9.43
CA SER A 42 -11.56 -6.06 -10.80
C SER A 42 -12.60 -6.87 -11.57
N ASN A 43 -13.81 -6.99 -11.00
CA ASN A 43 -14.92 -7.70 -11.65
C ASN A 43 -14.53 -9.10 -12.09
N SER A 44 -13.85 -9.82 -11.22
CA SER A 44 -13.28 -11.12 -11.56
C SER A 44 -13.77 -12.21 -10.61
N LEU A 45 -14.79 -11.91 -9.82
CA LEU A 45 -15.34 -12.87 -8.88
C LEU A 45 -15.78 -14.14 -9.61
N ASP A 46 -16.18 -13.99 -10.87
CA ASP A 46 -16.64 -15.14 -11.61
C ASP A 46 -15.51 -16.09 -12.05
N ILE A 47 -14.43 -15.55 -12.61
CA ILE A 47 -13.35 -16.44 -13.02
C ILE A 47 -12.66 -17.05 -11.79
N ILE A 48 -12.59 -16.28 -10.71
CA ILE A 48 -12.01 -16.76 -9.47
C ILE A 48 -12.82 -17.89 -8.85
N HIS A 49 -14.15 -17.77 -8.88
CA HIS A 49 -14.98 -18.86 -8.38
C HIS A 49 -14.79 -20.12 -9.24
N ALA A 50 -14.60 -19.95 -10.54
CA ALA A 50 -14.55 -21.07 -11.47
C ALA A 50 -13.21 -21.81 -11.35
N GLU A 51 -12.14 -21.05 -11.22
CA GLU A 51 -10.81 -21.59 -10.97
C GLU A 51 -10.79 -22.35 -9.66
N PHE A 52 -11.37 -21.75 -8.63
CA PHE A 52 -11.47 -22.41 -7.34
C PHE A 52 -12.21 -23.73 -7.45
N GLN A 53 -13.38 -23.71 -8.10
CA GLN A 53 -14.14 -24.93 -8.26
C GLN A 53 -13.38 -25.96 -9.11
N ALA A 54 -12.69 -25.51 -10.15
CA ALA A 54 -11.97 -26.42 -11.05
C ALA A 54 -10.79 -27.11 -10.36
N SER A 55 -10.09 -26.39 -9.50
CA SER A 55 -9.01 -27.01 -8.73
C SER A 55 -9.53 -28.08 -7.78
N LEU A 56 -10.60 -27.77 -7.04
CA LEU A 56 -11.24 -28.78 -6.19
C LEU A 56 -11.61 -30.02 -6.98
N ALA A 57 -12.22 -29.81 -8.15
CA ALA A 57 -12.62 -30.91 -9.03
C ALA A 57 -11.43 -31.72 -9.55
N GLU A 58 -10.23 -31.12 -9.59
CA GLU A 58 -9.01 -31.84 -9.95
C GLU A 58 -8.55 -32.68 -8.77
N GLY A 59 -9.06 -32.38 -7.59
CA GLY A 59 -8.63 -33.05 -6.37
C GLY A 59 -7.60 -32.28 -5.55
N ASP A 60 -7.41 -31.00 -5.87
CA ASP A 60 -6.53 -30.16 -5.08
C ASP A 60 -7.19 -29.89 -3.71
N SER A 61 -6.38 -29.69 -2.67
CA SER A 61 -6.92 -29.22 -1.40
C SER A 61 -7.40 -27.79 -1.61
N PRO A 62 -8.31 -27.31 -0.75
CA PRO A 62 -8.78 -25.93 -0.86
C PRO A 62 -7.64 -24.93 -0.68
N GLN A 63 -6.69 -25.23 0.20
CA GLN A 63 -5.54 -24.34 0.39
C GLN A 63 -4.78 -24.23 -0.91
N CYS A 64 -4.43 -25.37 -1.49
CA CYS A 64 -3.77 -25.42 -2.80
C CYS A 64 -4.55 -24.67 -3.89
N ALA A 65 -5.86 -24.89 -3.93
CA ALA A 65 -6.74 -24.16 -4.85
C ALA A 65 -6.65 -22.63 -4.69
N LEU A 66 -6.60 -22.14 -3.45
CA LEU A 66 -6.50 -20.69 -3.22
C LEU A 66 -5.15 -20.15 -3.74
N ILE A 67 -4.07 -20.89 -3.49
CA ILE A 67 -2.78 -20.53 -4.05
C ILE A 67 -2.80 -20.54 -5.59
N GLN A 68 -3.44 -21.55 -6.18
CA GLN A 68 -3.52 -21.63 -7.64
C GLN A 68 -4.20 -20.39 -8.23
N ILE A 69 -5.23 -19.90 -7.55
CA ILE A 69 -5.89 -18.66 -7.95
C ILE A 69 -4.88 -17.51 -8.05
N THR A 70 -4.01 -17.37 -7.06
CA THR A 70 -3.07 -16.25 -7.03
C THR A 70 -2.03 -16.41 -8.12
N LYS A 71 -1.91 -17.62 -8.65
CA LYS A 71 -0.93 -17.89 -9.70
C LYS A 71 -1.54 -17.88 -11.09
N ARG A 72 -2.82 -18.18 -11.20
CA ARG A 72 -3.44 -18.34 -12.51
C ARG A 72 -4.47 -17.27 -12.92
N VAL A 73 -5.10 -16.60 -11.94
CA VAL A 73 -5.96 -15.47 -12.28
C VAL A 73 -5.11 -14.22 -12.49
N PRO A 74 -5.22 -13.61 -13.68
CA PRO A 74 -4.36 -12.52 -14.17
C PRO A 74 -4.16 -11.36 -13.22
N ILE A 75 -5.18 -10.98 -12.45
CA ILE A 75 -5.08 -9.83 -11.57
C ILE A 75 -4.11 -9.99 -10.39
N PHE A 76 -3.78 -11.23 -10.02
CA PHE A 76 -2.83 -11.45 -8.93
C PHE A 76 -1.36 -11.63 -9.37
N GLN A 77 -1.16 -12.02 -10.63
CA GLN A 77 0.19 -12.25 -11.15
C GLN A 77 1.07 -10.98 -11.14
N ASP A 78 2.17 -11.05 -10.37
CA ASP A 78 3.09 -9.94 -10.15
C ASP A 78 2.48 -8.77 -9.38
N ALA A 79 1.37 -9.01 -8.69
CA ALA A 79 0.72 -7.98 -7.89
C ALA A 79 1.30 -7.90 -6.48
N ALA A 80 1.44 -6.69 -5.98
CA ALA A 80 1.86 -6.47 -4.61
C ALA A 80 0.69 -6.79 -3.71
N PRO A 81 0.96 -7.23 -2.47
CA PRO A 81 -0.12 -7.46 -1.52
C PRO A 81 -0.78 -6.14 -1.14
N PRO A 82 -2.08 -6.19 -0.82
CA PRO A 82 -2.76 -4.96 -0.40
C PRO A 82 -2.32 -4.57 1.00
N VAL A 83 -2.38 -3.27 1.28
CA VAL A 83 -2.11 -2.73 2.60
C VAL A 83 -3.43 -2.58 3.36
N ILE A 84 -3.46 -3.03 4.60
CA ILE A 84 -4.67 -2.92 5.41
C ILE A 84 -4.38 -2.21 6.73
N HIS A 85 -4.95 -1.03 6.91
CA HIS A 85 -4.67 -0.23 8.10
C HIS A 85 -5.47 -0.71 9.32
N ILE A 86 -4.75 -1.10 10.36
CA ILE A 86 -5.37 -1.56 11.61
C ILE A 86 -4.78 -0.77 12.78
N ARG A 87 -5.50 -0.72 13.90
CA ARG A 87 -5.00 -0.02 15.09
C ARG A 87 -3.75 -0.71 15.62
N SER A 88 -3.90 -1.94 16.11
CA SER A 88 -2.77 -2.65 16.68
C SER A 88 -2.63 -4.07 16.16
N ARG A 89 -1.63 -4.76 16.68
CA ARG A 89 -1.35 -6.13 16.32
C ARG A 89 -2.42 -7.07 16.87
N GLY A 90 -3.06 -6.64 17.96
CA GLY A 90 -4.14 -7.41 18.53
C GLY A 90 -5.34 -7.59 17.62
N ASP A 91 -5.53 -6.66 16.68
CA ASP A 91 -6.69 -6.72 15.77
C ASP A 91 -6.54 -7.85 14.74
N ILE A 92 -5.34 -8.38 14.63
CA ILE A 92 -5.05 -9.50 13.76
C ILE A 92 -5.49 -10.80 14.43
N PRO A 93 -6.17 -11.67 13.67
CA PRO A 93 -6.67 -12.96 14.19
C PRO A 93 -5.56 -13.84 14.81
N ARG A 94 -5.88 -14.47 15.93
CA ARG A 94 -4.95 -15.28 16.71
C ARG A 94 -4.24 -16.32 15.83
N ALA A 95 -5.01 -16.97 14.98
CA ALA A 95 -4.51 -18.00 14.09
C ALA A 95 -3.60 -17.43 13.00
N CYS A 96 -3.49 -16.11 12.92
CA CYS A 96 -2.65 -15.47 11.93
C CYS A 96 -1.33 -14.96 12.52
N GLN A 97 -1.31 -14.84 13.84
CA GLN A 97 -0.21 -14.19 14.56
C GLN A 97 1.16 -14.76 14.24
N LYS A 98 1.26 -16.08 14.10
CA LYS A 98 2.56 -16.68 13.83
C LYS A 98 2.93 -16.62 12.35
N SER A 99 2.03 -16.16 11.51
CA SER A 99 2.31 -16.05 10.09
C SER A 99 2.74 -14.63 9.69
N LEU A 100 2.92 -13.76 10.69
CA LEU A 100 3.29 -12.36 10.43
C LEU A 100 4.80 -12.21 10.36
N ARG A 101 5.30 -11.41 9.41
CA ARG A 101 6.74 -11.28 9.20
C ARG A 101 7.06 -9.85 8.85
N PRO A 102 8.33 -9.44 9.04
CA PRO A 102 8.81 -8.17 8.46
C PRO A 102 8.48 -8.13 6.97
N VAL A 103 8.16 -6.96 6.45
CA VAL A 103 7.92 -6.83 5.01
C VAL A 103 9.22 -6.79 4.23
N PRO A 104 9.40 -7.74 3.30
CA PRO A 104 10.59 -7.77 2.44
C PRO A 104 10.53 -6.61 1.42
N PRO A 105 11.63 -6.37 0.68
CA PRO A 105 11.66 -5.28 -0.31
C PRO A 105 10.47 -5.30 -1.27
N SER A 106 10.25 -6.39 -2.00
CA SER A 106 9.20 -6.41 -3.02
C SER A 106 8.24 -7.60 -2.85
N PRO A 107 7.34 -7.52 -1.87
CA PRO A 107 6.46 -8.66 -1.63
C PRO A 107 5.41 -8.82 -2.75
N LYS A 108 5.10 -10.06 -3.09
CA LYS A 108 4.16 -10.37 -4.17
C LYS A 108 3.16 -11.41 -3.65
N ILE A 109 1.90 -11.23 -4.01
CA ILE A 109 0.84 -12.16 -3.64
C ILE A 109 1.10 -13.58 -4.14
N ASP A 110 1.59 -13.70 -5.37
CA ASP A 110 1.82 -15.00 -5.97
C ASP A 110 3.11 -15.66 -5.47
N ARG A 111 3.80 -15.00 -4.54
CA ARG A 111 4.91 -15.62 -3.84
C ARG A 111 4.57 -15.84 -2.35
N GLY A 112 3.30 -15.68 -2.00
CA GLY A 112 2.80 -16.06 -0.69
C GLY A 112 2.48 -14.93 0.27
N TRP A 113 2.82 -13.70 -0.11
CA TRP A 113 2.54 -12.55 0.74
C TRP A 113 1.11 -12.09 0.54
N VAL A 114 0.27 -12.42 1.54
CA VAL A 114 -1.18 -12.28 1.41
C VAL A 114 -1.63 -10.84 1.52
N CYS A 115 -1.08 -10.15 2.52
CA CYS A 115 -1.40 -8.74 2.69
C CYS A 115 -0.34 -8.14 3.57
N VAL A 116 -0.30 -6.81 3.60
CA VAL A 116 0.53 -6.12 4.56
C VAL A 116 -0.39 -5.39 5.52
N PHE A 117 -0.21 -5.62 6.82
CA PHE A 117 -0.89 -4.80 7.83
C PHE A 117 -0.08 -3.55 8.22
N GLN A 118 -0.67 -2.38 8.03
CA GLN A 118 -0.06 -1.15 8.53
C GLN A 118 -0.69 -0.81 9.86
N LEU A 119 0.12 -0.74 10.91
CA LEU A 119 -0.40 -0.42 12.24
C LEU A 119 -0.34 1.08 12.50
N GLN A 120 -1.16 1.55 13.45
CA GLN A 120 -1.27 2.97 13.77
C GLN A 120 0.06 3.69 13.95
N ASP A 121 0.96 3.09 14.73
CA ASP A 121 2.19 3.77 15.08
C ASP A 121 3.28 3.62 14.03
N GLY A 122 2.92 3.11 12.85
CA GLY A 122 3.86 3.11 11.76
C GLY A 122 4.46 1.75 11.48
N LYS A 123 4.28 0.83 12.41
CA LYS A 123 4.79 -0.53 12.28
C LYS A 123 4.07 -1.22 11.12
N THR A 124 4.78 -2.03 10.36
CA THR A 124 4.16 -2.84 9.32
C THR A 124 4.53 -4.32 9.47
N LEU A 125 3.58 -5.19 9.11
CA LEU A 125 3.80 -6.64 9.11
C LEU A 125 3.10 -7.28 7.92
N GLY A 126 3.82 -8.14 7.22
CA GLY A 126 3.25 -8.88 6.10
C GLY A 126 2.74 -10.21 6.59
N LEU A 127 1.73 -10.73 5.93
CA LEU A 127 1.19 -12.04 6.27
C LEU A 127 1.68 -13.03 5.21
N LYS A 128 2.32 -14.09 5.66
CA LYS A 128 3.02 -14.95 4.71
C LYS A 128 2.42 -16.34 4.70
N ILE A 129 2.32 -16.92 3.50
CA ILE A 129 2.01 -18.34 3.33
C ILE A 129 3.12 -19.07 2.50
N ASP B 7 15.40 17.64 19.70
CA ASP B 7 15.49 16.84 18.47
C ASP B 7 14.31 17.14 17.54
N ILE B 8 14.64 17.57 16.32
CA ILE B 8 13.65 17.99 15.32
C ILE B 8 12.51 16.99 15.07
N SER B 9 11.27 17.48 15.12
CA SER B 9 10.13 16.60 15.03
C SER B 9 9.55 16.61 13.62
N ALA B 10 8.71 15.62 13.34
CA ALA B 10 8.06 15.50 12.04
C ALA B 10 7.25 16.75 11.74
N LYS B 11 6.53 17.22 12.75
CA LYS B 11 5.66 18.38 12.61
C LYS B 11 6.49 19.64 12.36
N ASP B 12 7.63 19.75 13.04
CA ASP B 12 8.55 20.86 12.83
C ASP B 12 9.12 20.84 11.41
N LEU B 13 9.55 19.67 10.98
CA LEU B 13 10.11 19.54 9.63
C LEU B 13 9.04 19.87 8.58
N ARG B 14 7.83 19.40 8.81
CA ARG B 14 6.73 19.69 7.89
C ARG B 14 6.54 21.22 7.78
N ASN B 15 6.55 21.89 8.92
CA ASN B 15 6.34 23.33 8.95
C ASN B 15 7.45 24.09 8.24
N ILE B 16 8.70 23.69 8.50
CA ILE B 16 9.87 24.23 7.82
C ILE B 16 9.71 24.13 6.31
N MET B 17 9.30 22.96 5.83
CA MET B 17 9.12 22.75 4.41
C MET B 17 7.91 23.54 3.89
N TYR B 18 6.79 23.47 4.62
CA TYR B 18 5.61 24.25 4.24
C TYR B 18 5.92 25.74 4.05
N ASP B 19 6.84 26.26 4.85
CA ASP B 19 7.18 27.69 4.75
C ASP B 19 7.96 28.03 3.48
N HIS B 20 8.53 27.04 2.81
CA HIS B 20 9.25 27.31 1.58
C HIS B 20 8.39 27.14 0.33
N LEU B 21 7.17 26.66 0.50
CA LEU B 21 6.30 26.32 -0.62
C LEU B 21 5.24 27.37 -0.90
N PRO B 22 5.06 27.73 -2.18
CA PRO B 22 3.96 28.66 -2.45
C PRO B 22 2.65 27.88 -2.53
N GLY B 23 1.53 28.54 -2.26
CA GLY B 23 0.22 27.90 -2.33
C GLY B 23 -0.11 27.14 -1.07
N PHE B 24 -1.31 26.56 -1.05
CA PHE B 24 -1.70 25.58 -0.02
C PHE B 24 -2.23 24.31 -0.68
N GLY B 25 -1.94 23.16 -0.08
CA GLY B 25 -2.52 21.89 -0.51
C GLY B 25 -2.13 21.38 -1.89
N THR B 26 -0.88 21.59 -2.28
CA THR B 26 -0.43 21.19 -3.61
C THR B 26 0.20 19.81 -3.56
N ALA B 27 0.57 19.27 -4.72
CA ALA B 27 1.26 17.99 -4.78
C ALA B 27 2.56 17.98 -3.99
N PHE B 28 3.21 19.14 -3.87
CA PHE B 28 4.47 19.24 -3.13
C PHE B 28 4.24 19.26 -1.64
N HIS B 29 3.13 19.89 -1.23
CA HIS B 29 2.71 19.86 0.17
C HIS B 29 2.46 18.43 0.63
N GLN B 30 1.88 17.63 -0.26
CA GLN B 30 1.56 16.26 0.08
C GLN B 30 2.84 15.44 0.09
N LEU B 31 3.76 15.79 -0.81
CA LEU B 31 5.06 15.14 -0.80
C LEU B 31 5.79 15.39 0.54
N VAL B 32 5.64 16.60 1.08
CA VAL B 32 6.16 16.91 2.42
C VAL B 32 5.57 15.99 3.50
N GLN B 33 4.25 15.81 3.45
CA GLN B 33 3.56 14.94 4.38
C GLN B 33 4.11 13.53 4.31
N VAL B 34 4.34 13.06 3.09
CA VAL B 34 4.83 11.70 2.86
C VAL B 34 6.27 11.58 3.35
N ILE B 35 7.11 12.54 2.97
CA ILE B 35 8.50 12.56 3.39
C ILE B 35 8.63 12.60 4.92
N CYS B 36 7.76 13.35 5.59
CA CYS B 36 7.85 13.44 7.05
C CYS B 36 7.39 12.19 7.76
N LYS B 37 6.32 11.57 7.27
CA LYS B 37 5.81 10.32 7.83
C LYS B 37 6.76 9.14 7.61
N LEU B 38 7.22 8.95 6.38
CA LEU B 38 8.16 7.86 6.10
C LEU B 38 9.44 8.14 6.84
N GLY B 39 9.82 9.41 6.89
CA GLY B 39 11.02 9.81 7.59
C GLY B 39 10.95 9.59 9.09
N LYS B 40 9.81 9.90 9.70
CA LYS B 40 9.63 9.61 11.11
C LYS B 40 9.67 8.11 11.39
N ASP B 41 9.04 7.32 10.52
CA ASP B 41 8.93 5.88 10.74
C ASP B 41 10.29 5.19 10.62
N SER B 42 11.21 5.87 9.95
CA SER B 42 12.54 5.34 9.66
C SER B 42 13.65 6.12 10.34
N ASN B 43 13.31 6.84 11.42
CA ASN B 43 14.25 7.69 12.18
C ASN B 43 15.27 8.47 11.33
N SER B 44 14.80 9.12 10.27
CA SER B 44 15.67 9.76 9.29
C SER B 44 15.32 11.22 9.12
N LEU B 45 14.57 11.78 10.07
CA LEU B 45 14.15 13.17 9.93
C LEU B 45 15.35 14.12 9.87
N ASP B 46 16.45 13.71 10.50
CA ASP B 46 17.65 14.53 10.53
C ASP B 46 18.36 14.60 9.17
N ILE B 47 18.64 13.44 8.56
CA ILE B 47 19.30 13.45 7.25
C ILE B 47 18.41 14.12 6.20
N ILE B 48 17.09 14.00 6.37
CA ILE B 48 16.15 14.63 5.45
C ILE B 48 16.22 16.16 5.53
N HIS B 49 16.20 16.67 6.75
CA HIS B 49 16.33 18.09 6.97
C HIS B 49 17.67 18.61 6.46
N ALA B 50 18.72 17.83 6.69
CA ALA B 50 20.06 18.20 6.23
C ALA B 50 20.15 18.28 4.70
N GLU B 51 19.59 17.28 4.00
CA GLU B 51 19.64 17.27 2.53
C GLU B 51 18.75 18.36 1.95
N PHE B 52 17.63 18.62 2.62
CA PHE B 52 16.73 19.70 2.18
C PHE B 52 17.46 21.03 2.30
N GLN B 53 18.09 21.28 3.45
CA GLN B 53 18.81 22.53 3.63
C GLN B 53 19.97 22.69 2.65
N ALA B 54 20.69 21.60 2.40
CA ALA B 54 21.87 21.62 1.53
C ALA B 54 21.51 21.85 0.06
N SER B 55 20.34 21.34 -0.34
CA SER B 55 19.85 21.61 -1.68
CA SER B 55 19.85 21.60 -1.68
C SER B 55 19.53 23.09 -1.86
N LEU B 56 18.91 23.69 -0.85
CA LEU B 56 18.64 25.13 -0.89
C LEU B 56 19.93 25.94 -0.96
N ALA B 57 20.95 25.51 -0.21
CA ALA B 57 22.24 26.22 -0.22
C ALA B 57 23.01 26.08 -1.54
N GLU B 58 22.67 25.06 -2.33
CA GLU B 58 23.12 24.96 -3.73
C GLU B 58 22.37 25.95 -4.60
N GLY B 59 21.19 26.37 -4.13
CA GLY B 59 20.35 27.28 -4.89
C GLY B 59 19.22 26.59 -5.64
N ASP B 60 18.93 25.34 -5.29
CA ASP B 60 17.79 24.66 -5.90
C ASP B 60 16.52 25.30 -5.37
N SER B 61 15.46 25.22 -6.16
CA SER B 61 14.13 25.63 -5.67
C SER B 61 13.70 24.67 -4.59
N PRO B 62 12.78 25.11 -3.74
CA PRO B 62 12.35 24.16 -2.71
C PRO B 62 11.70 22.91 -3.30
N GLN B 63 11.07 23.05 -4.47
CA GLN B 63 10.42 21.91 -5.09
C GLN B 63 11.46 20.91 -5.56
N CYS B 64 12.47 21.41 -6.26
CA CYS B 64 13.61 20.59 -6.65
C CYS B 64 14.26 19.96 -5.42
N ALA B 65 14.41 20.75 -4.37
CA ALA B 65 14.98 20.21 -3.12
C ALA B 65 14.23 18.98 -2.61
N LEU B 66 12.90 19.02 -2.69
CA LEU B 66 12.07 17.92 -2.21
C LEU B 66 12.20 16.70 -3.10
N ILE B 67 12.28 16.92 -4.40
CA ILE B 67 12.53 15.82 -5.34
C ILE B 67 13.90 15.18 -5.05
N GLN B 68 14.91 16.02 -4.80
CA GLN B 68 16.27 15.53 -4.53
C GLN B 68 16.32 14.57 -3.35
N ILE B 69 15.55 14.89 -2.31
CA ILE B 69 15.38 14.05 -1.15
C ILE B 69 14.92 12.65 -1.56
N THR B 70 13.93 12.58 -2.45
CA THR B 70 13.40 11.28 -2.86
C THR B 70 14.43 10.49 -3.66
N LYS B 71 15.45 11.18 -4.16
CA LYS B 71 16.51 10.52 -4.92
C LYS B 71 17.79 10.28 -4.11
N ARG B 72 18.03 11.08 -3.08
CA ARG B 72 19.29 10.98 -2.33
C ARG B 72 19.21 10.24 -1.00
N VAL B 73 18.07 10.34 -0.32
CA VAL B 73 17.91 9.68 0.97
C VAL B 73 17.53 8.21 0.75
N PRO B 74 18.34 7.29 1.29
CA PRO B 74 18.26 5.83 1.09
C PRO B 74 16.87 5.23 1.25
N ILE B 75 16.08 5.75 2.19
CA ILE B 75 14.75 5.19 2.44
C ILE B 75 13.73 5.40 1.31
N PHE B 76 13.93 6.39 0.44
CA PHE B 76 12.99 6.62 -0.67
C PHE B 76 13.50 6.05 -1.99
N GLN B 77 14.75 5.63 -2.04
CA GLN B 77 15.30 5.10 -3.27
C GLN B 77 14.65 3.75 -3.57
N ASP B 78 14.07 3.65 -4.77
CA ASP B 78 13.43 2.42 -5.24
C ASP B 78 12.21 1.99 -4.41
N ALA B 79 11.65 2.93 -3.65
CA ALA B 79 10.49 2.64 -2.79
C ALA B 79 9.15 2.94 -3.45
N ALA B 80 8.19 2.08 -3.18
CA ALA B 80 6.85 2.27 -3.69
C ALA B 80 6.22 3.34 -2.85
N PRO B 81 5.27 4.08 -3.43
CA PRO B 81 4.56 5.11 -2.68
C PRO B 81 3.66 4.52 -1.61
N PRO B 82 3.42 5.30 -0.56
CA PRO B 82 2.50 4.81 0.46
C PRO B 82 1.05 4.85 -0.01
N VAL B 83 0.26 3.95 0.54
CA VAL B 83 -1.17 3.91 0.26
C VAL B 83 -1.86 4.64 1.40
N ILE B 84 -2.72 5.59 1.06
CA ILE B 84 -3.44 6.37 2.07
C ILE B 84 -4.94 6.22 1.90
N HIS B 85 -5.57 5.57 2.86
CA HIS B 85 -7.00 5.29 2.74
C HIS B 85 -7.78 6.57 2.99
N ILE B 86 -8.68 6.91 2.06
CA ILE B 86 -9.58 8.06 2.19
C ILE B 86 -10.99 7.66 1.82
N ARG B 87 -11.96 8.50 2.17
CA ARG B 87 -13.37 8.19 1.86
C ARG B 87 -13.65 8.35 0.37
N SER B 88 -13.42 9.54 -0.17
CA SER B 88 -13.64 9.74 -1.59
C SER B 88 -12.66 10.73 -2.15
N ARG B 89 -12.87 11.09 -3.42
CA ARG B 89 -11.99 11.99 -4.14
C ARG B 89 -12.03 13.39 -3.57
N GLY B 90 -13.11 13.71 -2.84
CA GLY B 90 -13.29 15.01 -2.23
C GLY B 90 -12.41 15.29 -1.02
N ASP B 91 -11.82 14.24 -0.45
CA ASP B 91 -10.91 14.39 0.69
C ASP B 91 -9.53 14.89 0.29
N ILE B 92 -9.28 14.92 -1.02
CA ILE B 92 -8.00 15.34 -1.56
C ILE B 92 -8.07 16.81 -1.90
N PRO B 93 -7.07 17.59 -1.46
CA PRO B 93 -7.07 19.04 -1.69
C PRO B 93 -7.25 19.42 -3.16
N ARG B 94 -7.96 20.52 -3.37
CA ARG B 94 -8.30 21.00 -4.70
C ARG B 94 -7.03 21.16 -5.55
N ALA B 95 -5.98 21.68 -4.93
CA ALA B 95 -4.72 21.89 -5.62
C ALA B 95 -3.98 20.61 -6.02
N CYS B 96 -4.44 19.46 -5.53
CA CYS B 96 -3.89 18.15 -5.91
C CYS B 96 -4.69 17.42 -6.99
N GLN B 97 -5.95 17.80 -7.16
CA GLN B 97 -6.91 17.05 -7.99
C GLN B 97 -6.43 16.79 -9.42
N LYS B 98 -5.82 17.78 -10.06
CA LYS B 98 -5.32 17.63 -11.42
C LYS B 98 -4.01 16.84 -11.49
N SER B 99 -3.47 16.46 -10.34
CA SER B 99 -2.23 15.70 -10.32
C SER B 99 -2.50 14.22 -10.05
N LEU B 100 -3.78 13.85 -9.97
CA LEU B 100 -4.16 12.46 -9.75
C LEU B 100 -4.22 11.67 -11.05
N ARG B 101 -3.69 10.45 -11.05
CA ARG B 101 -3.64 9.63 -12.25
C ARG B 101 -3.94 8.18 -11.91
N PRO B 102 -4.34 7.39 -12.92
CA PRO B 102 -4.45 5.94 -12.68
C PRO B 102 -3.10 5.41 -12.22
N VAL B 103 -3.11 4.42 -11.33
CA VAL B 103 -1.87 3.86 -10.83
C VAL B 103 -1.23 2.92 -11.84
N PRO B 104 0.05 3.17 -12.18
CA PRO B 104 0.80 2.31 -13.10
C PRO B 104 1.20 1.01 -12.39
N PRO B 105 1.73 0.03 -13.13
CA PRO B 105 2.07 -1.27 -12.55
C PRO B 105 3.02 -1.22 -11.35
N SER B 106 4.12 -0.50 -11.48
CA SER B 106 5.16 -0.48 -10.44
C SER B 106 5.56 0.95 -10.08
N PRO B 107 4.69 1.67 -9.38
CA PRO B 107 4.99 3.08 -9.14
C PRO B 107 6.12 3.25 -8.09
N LYS B 108 6.93 4.28 -8.26
CA LYS B 108 8.03 4.56 -7.35
C LYS B 108 8.02 6.01 -6.91
N ILE B 109 8.32 6.25 -5.64
CA ILE B 109 8.37 7.61 -5.10
C ILE B 109 9.45 8.42 -5.82
N ASP B 110 10.57 7.77 -6.16
CA ASP B 110 11.66 8.47 -6.81
C ASP B 110 11.44 8.74 -8.31
N ARG B 111 10.23 8.48 -8.79
CA ARG B 111 9.92 8.78 -10.19
C ARG B 111 8.67 9.64 -10.20
N GLY B 112 8.38 10.23 -9.05
CA GLY B 112 7.33 11.23 -8.97
C GLY B 112 6.01 10.78 -8.39
N TRP B 113 5.87 9.49 -8.06
CA TRP B 113 4.62 9.00 -7.49
C TRP B 113 4.63 9.24 -6.00
N VAL B 114 3.92 10.27 -5.58
CA VAL B 114 4.00 10.76 -4.21
C VAL B 114 3.31 9.82 -3.26
N CYS B 115 2.14 9.30 -3.67
CA CYS B 115 1.41 8.38 -2.84
C CYS B 115 0.31 7.78 -3.65
N VAL B 116 -0.25 6.69 -3.17
CA VAL B 116 -1.44 6.16 -3.77
C VAL B 116 -2.60 6.42 -2.81
N PHE B 117 -3.67 7.02 -3.33
CA PHE B 117 -4.90 7.14 -2.55
C PHE B 117 -5.83 5.94 -2.82
N GLN B 118 -6.28 5.29 -1.75
CA GLN B 118 -7.22 4.18 -1.84
C GLN B 118 -8.56 4.74 -1.40
N LEU B 119 -9.54 4.77 -2.29
CA LEU B 119 -10.86 5.32 -1.94
C LEU B 119 -11.74 4.24 -1.33
N GLN B 120 -12.78 4.69 -0.62
CA GLN B 120 -13.74 3.80 0.04
C GLN B 120 -14.29 2.66 -0.82
N ASP B 121 -14.64 2.96 -2.07
CA ASP B 121 -15.31 1.97 -2.92
C ASP B 121 -14.34 1.18 -3.79
N GLY B 122 -13.06 1.21 -3.42
CA GLY B 122 -12.09 0.36 -4.08
C GLY B 122 -11.32 1.02 -5.20
N LYS B 123 -11.70 2.25 -5.54
CA LYS B 123 -10.97 3.02 -6.54
C LYS B 123 -9.59 3.35 -5.99
N THR B 124 -8.62 3.51 -6.88
CA THR B 124 -7.32 4.01 -6.46
C THR B 124 -6.82 5.10 -7.41
N LEU B 125 -6.19 6.12 -6.85
CA LEU B 125 -5.55 7.17 -7.65
C LEU B 125 -4.17 7.48 -7.09
N GLY B 126 -3.20 7.65 -7.99
CA GLY B 126 -1.85 7.99 -7.55
C GLY B 126 -1.64 9.47 -7.71
N LEU B 127 -0.90 10.08 -6.79
CA LEU B 127 -0.54 11.48 -6.94
C LEU B 127 0.81 11.56 -7.68
N LYS B 128 0.84 12.34 -8.75
CA LYS B 128 2.00 12.37 -9.64
C LYS B 128 2.63 13.75 -9.64
N ILE B 129 3.97 13.80 -9.57
CA ILE B 129 4.74 15.01 -9.86
C ILE B 129 5.77 14.72 -10.98
#